data_3SY0
#
_entry.id   3SY0
#
_cell.length_a   45.600
_cell.length_b   80.900
_cell.length_c   130.600
_cell.angle_alpha   90.000
_cell.angle_beta   90.000
_cell.angle_gamma   90.000
#
_symmetry.space_group_name_H-M   'P 21 21 21'
#
loop_
_entity.id
_entity.type
_entity.pdbx_description
1 polymer 'S25-2 FAB (IGG1K) light chain'
2 polymer 'S25-2 FAB (IGG1K) heavy chain'
3 branched '3-deoxy-alpha-D-manno-oct-2-ulopyranosonic acid-(2-8)-3-deoxy-alpha-D-manno-oct-2-ulopyranosonic acid-(2-4)-prop-2-en-1-yl 3-deoxy-alpha-D-manno-oct-2-ulopyranosidonic acid'
4 non-polymer 'MAGNESIUM ION'
5 non-polymer 'ZINC ION'
6 water water
#
loop_
_entity_poly.entity_id
_entity_poly.type
_entity_poly.pdbx_seq_one_letter_code
_entity_poly.pdbx_strand_id
1 'polypeptide(L)'
;DIVMSQSPSSLAVSAGEKVTMSCKSSQSLLNSRTRKNYLAWYQQKPGQSPKLLIYWASTRESGVPDRFTGSGSGTDFTLT
ITSVQAEDLAVYYCKQSYNLRTFGGGTKLEIKRADAAPTVSIFPPSSEQLTSGGASVVCFLNNFYPKDINVKWKIDGSER
QNGVLNSWTDQDSKDSTYSMSSTLTLTKDEYERHNSYTCEATHKTSTSPIVKSFNRNEC
;
A
2 'polypeptide(L)'
;EVKLVESGGGLVQSGGSLRLSCATSGFTFTDYYMSWVRQPPGKALEWLGFIRNKANGYTTEYSPSVKGRFTISRDNSQSI
LYLQMNTLRAEDSATYYCARDHDGYYERFSYWGQGTLVTVSAAKTTPPSVYPLAPGSAAQTNSMVTLGCLVKGYFPEPVT
VTWNSGSLSSGVHTFPAVLQSDLYTLSSSVTVPSSTWPSETVTCNVAHPASSTKVDKKIVPR
;
B
#
loop_
_chem_comp.id
_chem_comp.type
_chem_comp.name
_chem_comp.formula
KDA D-saccharide 'prop-2-en-1-yl 3-deoxy-alpha-D-manno-oct-2-ulopyranosidonic acid' 'C11 H18 O8'
KDO D-saccharide, alpha linking '3-deoxy-alpha-D-manno-oct-2-ulopyranosonic acid' 'C8 H14 O8'
MG non-polymer 'MAGNESIUM ION' 'Mg 2'
ZN non-polymer 'ZINC ION' 'Zn 2'
#
# COMPACT_ATOMS: atom_id res chain seq x y z
N ASP A 1 -27.81 14.01 -5.27
CA ASP A 1 -26.78 14.11 -4.25
C ASP A 1 -25.51 14.60 -4.91
N ILE A 2 -24.35 14.55 -4.26
CA ILE A 2 -23.16 15.09 -4.93
C ILE A 2 -22.16 14.05 -5.40
N VAL A 3 -22.12 13.89 -6.72
CA VAL A 3 -21.24 12.94 -7.35
C VAL A 3 -19.96 13.66 -7.76
N MET A 4 -18.83 13.09 -7.38
CA MET A 4 -17.52 13.64 -7.73
C MET A 4 -16.87 12.71 -8.71
N SER A 5 -16.38 13.27 -9.81
CA SER A 5 -15.73 12.45 -10.81
C SER A 5 -14.40 13.07 -11.17
N GLN A 6 -13.39 12.22 -11.37
CA GLN A 6 -12.07 12.73 -11.68
C GLN A 6 -11.59 12.20 -13.02
N SER A 7 -10.72 12.97 -13.66
CA SER A 7 -10.13 12.58 -14.93
C SER A 7 -8.70 13.08 -14.95
N PRO A 8 -7.78 12.34 -15.57
CA PRO A 8 -7.97 10.99 -16.13
C PRO A 8 -7.96 9.99 -14.99
N SER A 9 -8.22 8.73 -15.30
CA SER A 9 -8.11 7.66 -14.31
C SER A 9 -6.64 7.49 -13.93
N SER A 10 -5.79 7.58 -14.94
CA SER A 10 -4.37 7.44 -14.71
C SER A 10 -3.62 8.09 -15.86
N LEU A 11 -2.37 8.46 -15.60
CA LEU A 11 -1.49 8.98 -16.65
C LEU A 11 -0.07 8.90 -16.12
N ALA A 12 0.90 9.01 -17.03
CA ALA A 12 2.31 9.01 -16.63
C ALA A 12 2.97 10.24 -17.19
N VAL A 13 3.85 10.84 -16.40
CA VAL A 13 4.52 12.05 -16.83
C VAL A 13 5.97 11.94 -16.43
N SER A 14 6.87 12.49 -17.24
CA SER A 14 8.29 12.45 -16.92
C SER A 14 8.64 13.53 -15.92
N ALA A 15 9.63 13.24 -15.09
CA ALA A 15 10.09 14.23 -14.13
C ALA A 15 10.39 15.53 -14.85
N GLY A 16 9.98 16.64 -14.25
CA GLY A 16 10.23 17.95 -14.81
C GLY A 16 9.10 18.50 -15.67
N GLU A 17 8.16 17.64 -16.04
CA GLU A 17 7.05 18.07 -16.85
C GLU A 17 5.85 18.46 -16.01
N LYS A 18 4.84 19.00 -16.68
CA LYS A 18 3.63 19.49 -16.03
C LYS A 18 2.56 18.42 -16.04
N VAL A 19 1.80 18.35 -14.95
CA VAL A 19 0.70 17.41 -14.81
C VAL A 19 -0.58 18.20 -14.58
N THR A 20 -1.62 17.85 -15.33
CA THR A 20 -2.93 18.44 -15.16
C THR A 20 -3.97 17.36 -14.87
N MET A 21 -4.79 17.61 -13.85
CA MET A 21 -5.74 16.64 -13.33
C MET A 21 -7.06 17.37 -13.10
N SER A 22 -8.17 16.72 -13.37
CA SER A 22 -9.48 17.36 -13.32
C SER A 22 -10.45 16.71 -12.33
N CYS A 23 -11.35 17.53 -11.77
CA CYS A 23 -12.35 17.06 -10.82
C CYS A 23 -13.65 17.76 -11.15
N LYS A 24 -14.71 16.99 -11.35
CA LYS A 24 -16.02 17.55 -11.62
C LYS A 24 -16.99 17.20 -10.49
N SER A 25 -17.80 18.17 -10.08
CA SER A 25 -18.87 17.92 -9.13
C SER A 25 -20.22 17.99 -9.82
N SER A 26 -21.18 17.18 -9.37
CA SER A 26 -22.49 17.14 -10.00
C SER A 26 -23.30 18.40 -9.69
N GLN A 27 -22.88 19.12 -8.66
CA GLN A 27 -23.49 20.42 -8.39
C GLN A 27 -22.42 21.38 -7.92
N SER A 28 -22.70 22.67 -8.04
CA SER A 28 -21.72 23.68 -7.68
C SER A 28 -21.29 23.55 -6.23
N LEU A 29 -19.99 23.69 -5.99
CA LEU A 29 -19.48 23.63 -4.61
C LEU A 29 -19.17 25.02 -4.08
N LEU A 30 -19.61 26.02 -4.83
CA LEU A 30 -19.46 27.40 -4.42
C LEU A 30 -20.50 27.76 -3.37
N ASN A 31 -20.04 27.91 -2.14
CA ASN A 31 -20.92 28.27 -1.04
C ASN A 31 -21.21 29.75 -1.13
N SER A 32 -22.48 30.11 -1.22
CA SER A 32 -22.84 31.51 -1.45
C SER A 32 -22.63 32.36 -0.20
N ARG A 33 -22.69 31.73 0.97
CA ARG A 33 -22.54 32.44 2.23
C ARG A 33 -21.09 32.89 2.42
N THR A 34 -20.15 31.98 2.14
CA THR A 34 -18.74 32.29 2.35
C THR A 34 -18.00 32.63 1.06
N ARG A 35 -18.65 32.37 -0.08
CA ARG A 35 -18.08 32.68 -1.41
C ARG A 35 -16.83 31.88 -1.69
N LYS A 36 -16.77 30.68 -1.15
CA LYS A 36 -15.66 29.77 -1.39
C LYS A 36 -16.17 28.47 -1.93
N ASN A 37 -15.31 27.79 -2.69
CA ASN A 37 -15.61 26.47 -3.19
C ASN A 37 -15.13 25.42 -2.19
N TYR A 38 -16.03 24.57 -1.72
CA TYR A 38 -15.65 23.60 -0.69
C TYR A 38 -15.11 22.35 -1.35
N LEU A 39 -13.89 22.48 -1.86
CA LEU A 39 -13.26 21.42 -2.62
C LEU A 39 -11.81 21.31 -2.21
N ALA A 40 -11.42 20.11 -1.82
CA ALA A 40 -10.07 19.87 -1.37
C ALA A 40 -9.41 18.78 -2.19
N TRP A 41 -8.09 18.81 -2.25
CA TRP A 41 -7.30 17.79 -2.93
C TRP A 41 -6.39 17.09 -1.94
N TYR A 42 -6.32 15.77 -2.07
CA TYR A 42 -5.49 14.93 -1.23
C TYR A 42 -4.57 14.11 -2.09
N GLN A 43 -3.36 13.88 -1.59
CA GLN A 43 -2.37 13.05 -2.26
C GLN A 43 -2.20 11.78 -1.45
N GLN A 44 -2.30 10.63 -2.10
CA GLN A 44 -2.04 9.39 -1.39
C GLN A 44 -0.94 8.63 -2.08
N LYS A 45 0.25 8.68 -1.49
CA LYS A 45 1.39 7.96 -2.03
C LYS A 45 1.22 6.49 -1.73
N PRO A 46 1.91 5.63 -2.50
CA PRO A 46 1.68 4.19 -2.32
C PRO A 46 2.02 3.75 -0.90
N GLY A 47 1.09 3.02 -0.30
CA GLY A 47 1.28 2.50 1.06
C GLY A 47 1.03 3.50 2.18
N GLN A 48 0.71 4.74 1.83
CA GLN A 48 0.54 5.80 2.82
C GLN A 48 -0.92 6.24 2.96
N SER A 49 -1.19 7.00 4.02
CA SER A 49 -2.48 7.64 4.19
C SER A 49 -2.58 8.84 3.28
N PRO A 50 -3.81 9.25 2.94
CA PRO A 50 -3.98 10.49 2.18
C PRO A 50 -3.40 11.67 2.96
N LYS A 51 -2.90 12.65 2.23
CA LYS A 51 -2.37 13.87 2.82
C LYS A 51 -3.03 15.07 2.16
N LEU A 52 -3.45 16.04 2.96
CA LEU A 52 -4.05 17.25 2.42
C LEU A 52 -3.06 18.06 1.60
N LEU A 53 -3.45 18.42 0.39
CA LEU A 53 -2.62 19.33 -0.41
C LEU A 53 -3.22 20.73 -0.52
N ILE A 54 -4.48 20.79 -0.92
CA ILE A 54 -5.15 22.02 -1.30
C ILE A 54 -6.55 21.99 -0.72
N TYR A 55 -7.04 23.13 -0.25
CA TYR A 55 -8.43 23.19 0.18
C TYR A 55 -9.07 24.51 -0.24
N TRP A 56 -10.39 24.59 -0.13
CA TRP A 56 -11.10 25.75 -0.67
C TRP A 56 -10.66 26.01 -2.12
N ALA A 57 -10.48 24.92 -2.85
CA ALA A 57 -10.11 24.89 -4.27
C ALA A 57 -8.69 25.34 -4.58
N SER A 58 -8.20 26.38 -3.92
CA SER A 58 -6.93 26.97 -4.35
C SER A 58 -5.96 27.30 -3.23
N THR A 59 -6.35 27.05 -1.99
CA THR A 59 -5.45 27.32 -0.89
C THR A 59 -4.51 26.15 -0.68
N ARG A 60 -3.22 26.40 -0.87
CA ARG A 60 -2.18 25.38 -0.69
C ARG A 60 -1.85 25.27 0.78
N GLU A 61 -1.98 24.08 1.35
CA GLU A 61 -1.70 23.90 2.76
C GLU A 61 -0.22 24.15 3.04
N SER A 62 0.07 24.67 4.22
CA SER A 62 1.45 24.90 4.63
C SER A 62 2.28 23.64 4.52
N GLY A 63 3.48 23.76 3.93
CA GLY A 63 4.38 22.64 3.82
C GLY A 63 4.27 21.92 2.48
N VAL A 64 3.19 22.19 1.76
CA VAL A 64 3.00 21.62 0.44
C VAL A 64 3.86 22.38 -0.57
N PRO A 65 4.64 21.66 -1.39
CA PRO A 65 5.48 22.31 -2.39
C PRO A 65 4.67 23.25 -3.30
N ASP A 66 5.27 24.36 -3.67
CA ASP A 66 4.62 25.36 -4.51
C ASP A 66 4.25 24.82 -5.90
N ARG A 67 4.84 23.70 -6.28
CA ARG A 67 4.55 23.15 -7.60
C ARG A 67 3.12 22.62 -7.69
N PHE A 68 2.46 22.49 -6.55
CA PHE A 68 1.07 22.03 -6.54
C PHE A 68 0.16 23.23 -6.50
N THR A 69 -0.74 23.31 -7.48
CA THR A 69 -1.69 24.42 -7.55
C THR A 69 -3.10 23.97 -7.85
N GLY A 70 -4.04 24.35 -6.99
CA GLY A 70 -5.44 24.07 -7.22
C GLY A 70 -6.11 25.25 -7.87
N SER A 71 -7.01 24.97 -8.80
CA SER A 71 -7.76 26.03 -9.45
C SER A 71 -9.15 25.56 -9.80
N GLY A 72 -9.96 26.47 -10.31
CA GLY A 72 -11.31 26.14 -10.70
C GLY A 72 -12.35 26.69 -9.76
N SER A 73 -13.61 26.50 -10.13
CA SER A 73 -14.73 27.03 -9.37
C SER A 73 -16.01 26.31 -9.77
N GLY A 74 -16.99 26.32 -8.87
CA GLY A 74 -18.31 25.81 -9.18
C GLY A 74 -18.35 24.31 -9.32
N THR A 75 -18.39 23.81 -10.54
CA THR A 75 -18.46 22.36 -10.77
C THR A 75 -17.16 21.77 -11.33
N ASP A 76 -16.18 22.61 -11.65
CA ASP A 76 -14.97 22.10 -12.29
C ASP A 76 -13.71 22.61 -11.65
N PHE A 77 -12.83 21.68 -11.31
CA PHE A 77 -11.63 21.98 -10.56
C PHE A 77 -10.45 21.27 -11.18
N THR A 78 -9.28 21.84 -10.96
CA THR A 78 -8.06 21.34 -11.57
C THR A 78 -6.94 21.32 -10.54
N LEU A 79 -6.15 20.25 -10.54
CA LEU A 79 -4.91 20.23 -9.80
C LEU A 79 -3.81 20.17 -10.83
N THR A 80 -2.88 21.12 -10.74
CA THR A 80 -1.77 21.22 -11.66
C THR A 80 -0.50 21.04 -10.86
N ILE A 81 0.37 20.16 -11.34
CA ILE A 81 1.67 20.01 -10.74
C ILE A 81 2.68 20.44 -11.77
N THR A 82 3.45 21.47 -11.47
CA THR A 82 4.53 21.86 -12.37
C THR A 82 5.82 21.15 -11.94
N SER A 83 6.75 20.99 -12.87
CA SER A 83 8.04 20.39 -12.55
C SER A 83 7.87 19.16 -11.68
N VAL A 84 7.05 18.21 -12.16
CA VAL A 84 6.76 17.01 -11.36
C VAL A 84 8.04 16.32 -10.95
N GLN A 85 8.04 15.78 -9.73
CA GLN A 85 9.19 15.04 -9.24
C GLN A 85 8.81 13.59 -9.03
N ALA A 86 9.80 12.72 -9.02
CA ALA A 86 9.60 11.28 -8.83
C ALA A 86 8.72 11.02 -7.60
N GLU A 87 8.92 11.81 -6.55
CA GLU A 87 8.20 11.65 -5.29
C GLU A 87 6.70 11.95 -5.40
N ASP A 88 6.28 12.54 -6.51
CA ASP A 88 4.88 12.94 -6.69
C ASP A 88 3.99 11.78 -7.12
N LEU A 89 4.61 10.64 -7.36
CA LEU A 89 3.89 9.40 -7.64
C LEU A 89 2.83 9.17 -6.56
N ALA A 90 1.58 9.06 -6.95
CA ALA A 90 0.48 9.00 -5.98
C ALA A 90 -0.84 8.89 -6.68
N VAL A 91 -1.86 8.55 -5.91
CA VAL A 91 -3.23 8.77 -6.35
C VAL A 91 -3.71 10.08 -5.74
N TYR A 92 -4.28 10.95 -6.57
CA TYR A 92 -4.78 12.24 -6.13
C TYR A 92 -6.30 12.19 -6.08
N TYR A 93 -6.87 12.59 -4.94
CA TYR A 93 -8.32 12.59 -4.78
C TYR A 93 -8.82 13.99 -4.53
N CYS A 94 -9.92 14.35 -5.16
CA CYS A 94 -10.63 15.56 -4.79
C CYS A 94 -11.78 15.19 -3.86
N LYS A 95 -12.29 16.15 -3.10
CA LYS A 95 -13.30 15.87 -2.09
C LYS A 95 -14.13 17.11 -1.87
N GLN A 96 -15.44 16.98 -1.99
CA GLN A 96 -16.33 18.10 -1.68
C GLN A 96 -16.73 18.05 -0.21
N SER A 97 -16.90 19.22 0.40
CA SER A 97 -17.44 19.28 1.76
C SER A 97 -18.57 20.30 1.83
N TYR A 98 -19.23 20.50 0.69
CA TYR A 98 -20.35 21.41 0.60
C TYR A 98 -21.59 20.85 1.28
N ASN A 99 -21.75 19.54 1.16
CA ASN A 99 -22.87 18.83 1.78
C ASN A 99 -22.34 17.47 2.24
N LEU A 100 -22.16 17.34 3.55
CA LEU A 100 -21.38 16.22 4.07
C LEU A 100 -20.08 16.18 3.30
N ARG A 101 -19.58 14.99 2.96
CA ARG A 101 -18.35 14.92 2.17
C ARG A 101 -18.43 13.75 1.22
N THR A 102 -17.80 13.92 0.06
CA THR A 102 -17.74 12.89 -0.97
C THR A 102 -16.42 13.02 -1.70
N PHE A 103 -15.75 11.89 -1.89
CA PHE A 103 -14.50 11.85 -2.65
C PHE A 103 -14.74 11.48 -4.09
N GLY A 104 -13.90 12.03 -4.96
CA GLY A 104 -13.80 11.53 -6.32
C GLY A 104 -13.12 10.18 -6.33
N GLY A 105 -13.04 9.58 -7.50
CA GLY A 105 -12.52 8.24 -7.63
C GLY A 105 -11.01 8.15 -7.74
N GLY A 106 -10.35 9.30 -7.79
CA GLY A 106 -8.91 9.35 -7.84
C GLY A 106 -8.31 9.43 -9.23
N THR A 107 -7.15 10.06 -9.30
CA THR A 107 -6.32 10.03 -10.50
C THR A 107 -4.97 9.45 -10.11
N LYS A 108 -4.58 8.35 -10.76
CA LYS A 108 -3.30 7.74 -10.47
C LYS A 108 -2.23 8.39 -11.33
N LEU A 109 -1.25 9.01 -10.69
CA LEU A 109 -0.13 9.59 -11.39
C LEU A 109 1.10 8.69 -11.30
N GLU A 110 1.54 8.20 -12.45
CA GLU A 110 2.77 7.43 -12.53
C GLU A 110 3.84 8.30 -13.15
N ILE A 111 5.08 7.89 -12.98
CA ILE A 111 6.20 8.69 -13.46
C ILE A 111 6.88 7.96 -14.60
N LYS A 112 6.97 8.62 -15.74
CA LYS A 112 7.66 8.05 -16.87
C LYS A 112 9.15 8.32 -16.68
N ARG A 113 9.97 7.30 -16.97
CA ARG A 113 11.41 7.44 -16.89
C ARG A 113 12.04 6.64 -18.01
N ALA A 114 13.37 6.74 -18.11
CA ALA A 114 14.09 6.00 -19.13
C ALA A 114 13.97 4.49 -18.88
N ASP A 115 13.92 3.71 -19.94
CA ASP A 115 13.90 2.26 -19.80
C ASP A 115 15.08 1.78 -18.96
N ALA A 116 14.84 0.78 -18.12
CA ALA A 116 15.88 0.24 -17.26
C ALA A 116 15.72 -1.25 -17.16
N ALA A 117 16.83 -1.98 -17.29
CA ALA A 117 16.81 -3.43 -17.23
C ALA A 117 16.71 -3.90 -15.79
N PRO A 118 16.01 -5.02 -15.58
CA PRO A 118 15.88 -5.59 -14.23
C PRO A 118 17.18 -6.21 -13.74
N THR A 119 17.38 -6.19 -12.44
CA THR A 119 18.44 -6.97 -11.81
C THR A 119 17.75 -8.20 -11.25
N VAL A 120 18.18 -9.37 -11.71
CA VAL A 120 17.47 -10.61 -11.40
C VAL A 120 18.24 -11.48 -10.41
N SER A 121 17.55 -11.97 -9.39
CA SER A 121 18.14 -12.83 -8.37
C SER A 121 17.24 -14.03 -8.14
N ILE A 122 17.83 -15.21 -8.02
CA ILE A 122 17.06 -16.41 -7.77
C ILE A 122 17.44 -17.01 -6.42
N PHE A 123 16.46 -17.61 -5.75
CA PHE A 123 16.63 -18.15 -4.40
C PHE A 123 16.03 -19.53 -4.30
N PRO A 124 16.83 -20.50 -3.83
CA PRO A 124 16.30 -21.84 -3.66
C PRO A 124 15.41 -21.91 -2.43
N PRO A 125 14.59 -22.96 -2.33
CA PRO A 125 13.80 -23.22 -1.12
C PRO A 125 14.74 -23.32 0.08
N SER A 126 14.31 -22.78 1.21
CA SER A 126 15.07 -22.90 2.46
C SER A 126 14.90 -24.29 3.04
N SER A 127 15.90 -24.75 3.80
CA SER A 127 15.78 -26.04 4.46
C SER A 127 14.59 -26.03 5.43
N GLU A 128 14.33 -24.88 6.04
CA GLU A 128 13.18 -24.77 6.94
C GLU A 128 11.87 -25.06 6.21
N GLN A 129 11.74 -24.59 4.97
CA GLN A 129 10.52 -24.88 4.25
C GLN A 129 10.46 -26.33 3.80
N LEU A 130 11.59 -26.83 3.31
CA LEU A 130 11.61 -28.17 2.74
C LEU A 130 11.25 -29.18 3.82
N THR A 131 11.66 -28.91 5.05
CA THR A 131 11.39 -29.83 6.14
C THR A 131 9.89 -30.07 6.33
N SER A 132 9.06 -29.08 5.97
CA SER A 132 7.62 -29.19 6.11
C SER A 132 6.93 -29.66 4.83
N GLY A 133 7.72 -30.01 3.82
CA GLY A 133 7.19 -30.63 2.62
C GLY A 133 6.96 -29.73 1.43
N GLY A 134 7.31 -28.46 1.56
CA GLY A 134 7.14 -27.49 0.50
C GLY A 134 8.44 -26.96 -0.05
N ALA A 135 8.38 -26.42 -1.26
CA ALA A 135 9.56 -25.91 -1.92
C ALA A 135 9.18 -24.73 -2.79
N SER A 136 9.40 -23.52 -2.27
CA SER A 136 9.13 -22.33 -3.05
C SER A 136 10.44 -21.81 -3.59
N VAL A 137 10.45 -21.54 -4.90
CA VAL A 137 11.61 -20.98 -5.52
C VAL A 137 11.26 -19.55 -5.87
N VAL A 138 12.11 -18.61 -5.48
CA VAL A 138 11.77 -17.20 -5.62
C VAL A 138 12.73 -16.48 -6.57
N CYS A 139 12.14 -15.66 -7.42
CA CYS A 139 12.90 -14.81 -8.30
C CYS A 139 12.52 -13.37 -8.09
N PHE A 140 13.51 -12.52 -7.84
CA PHE A 140 13.29 -11.08 -7.73
C PHE A 140 13.79 -10.43 -9.00
N LEU A 141 12.95 -9.58 -9.56
CA LEU A 141 13.31 -8.78 -10.73
C LEU A 141 13.21 -7.35 -10.25
N ASN A 142 14.35 -6.72 -10.00
CA ASN A 142 14.34 -5.43 -9.32
C ASN A 142 14.76 -4.27 -10.20
N ASN A 143 14.08 -3.14 -9.99
CA ASN A 143 14.49 -1.85 -10.52
C ASN A 143 14.46 -1.75 -12.04
N PHE A 144 13.34 -2.10 -12.63
CA PHE A 144 13.22 -2.04 -14.08
C PHE A 144 12.12 -1.08 -14.51
N TYR A 145 12.14 -0.71 -15.78
CA TYR A 145 11.12 0.15 -16.36
C TYR A 145 11.16 -0.03 -17.87
N PRO A 146 9.99 -0.15 -18.51
CA PRO A 146 8.64 -0.06 -17.96
C PRO A 146 8.20 -1.32 -17.23
N LYS A 147 6.96 -1.29 -16.75
CA LYS A 147 6.43 -2.31 -15.83
C LYS A 147 6.25 -3.65 -16.49
N ASP A 148 6.00 -3.63 -17.80
CA ASP A 148 5.75 -4.85 -18.56
C ASP A 148 7.01 -5.72 -18.57
N ILE A 149 6.86 -6.97 -18.14
CA ILE A 149 7.99 -7.88 -18.12
C ILE A 149 7.47 -9.30 -18.16
N ASN A 150 8.26 -10.20 -18.76
CA ASN A 150 7.90 -11.59 -18.82
C ASN A 150 8.86 -12.41 -17.99
N VAL A 151 8.32 -13.34 -17.20
CA VAL A 151 9.17 -14.28 -16.48
C VAL A 151 8.79 -15.69 -16.86
N LYS A 152 9.80 -16.49 -17.19
CA LYS A 152 9.59 -17.89 -17.46
C LYS A 152 10.42 -18.73 -16.49
N TRP A 153 9.80 -19.78 -15.99
CA TRP A 153 10.47 -20.74 -15.12
C TRP A 153 10.80 -21.97 -15.93
N LYS A 154 12.04 -22.43 -15.82
CA LYS A 154 12.42 -23.70 -16.43
C LYS A 154 12.99 -24.62 -15.37
N ILE A 155 12.61 -25.89 -15.45
CA ILE A 155 13.05 -26.92 -14.53
C ILE A 155 13.68 -27.97 -15.42
N ASP A 156 14.97 -28.23 -15.20
CA ASP A 156 15.74 -29.11 -16.06
C ASP A 156 15.53 -28.76 -17.52
N GLY A 157 15.46 -27.47 -17.81
CA GLY A 157 15.41 -26.99 -19.19
C GLY A 157 14.03 -26.85 -19.79
N SER A 158 13.01 -27.32 -19.08
CA SER A 158 11.64 -27.30 -19.58
C SER A 158 10.79 -26.27 -18.88
N GLU A 159 10.06 -25.49 -19.68
CA GLU A 159 9.20 -24.45 -19.12
C GLU A 159 8.14 -25.03 -18.20
N ARG A 160 7.90 -24.36 -17.08
CA ARG A 160 6.81 -24.71 -16.18
C ARG A 160 6.02 -23.45 -15.88
N GLN A 161 4.71 -23.49 -16.06
CA GLN A 161 3.88 -22.33 -15.74
C GLN A 161 2.97 -22.57 -14.55
N ASN A 162 2.69 -23.85 -14.27
CA ASN A 162 1.84 -24.20 -13.15
C ASN A 162 2.52 -23.91 -11.82
N GLY A 163 1.81 -23.24 -10.92
CA GLY A 163 2.31 -22.97 -9.59
C GLY A 163 3.17 -21.73 -9.51
N VAL A 164 3.01 -20.83 -10.47
CA VAL A 164 3.77 -19.59 -10.49
C VAL A 164 2.87 -18.40 -10.18
N LEU A 165 3.27 -17.63 -9.16
CA LEU A 165 2.58 -16.42 -8.78
C LEU A 165 3.50 -15.20 -8.81
N ASN A 166 3.00 -14.12 -9.40
CA ASN A 166 3.80 -12.91 -9.60
C ASN A 166 3.21 -11.74 -8.83
N SER A 167 4.08 -10.83 -8.41
CA SER A 167 3.62 -9.64 -7.71
C SER A 167 4.54 -8.47 -8.03
N TRP A 168 3.96 -7.38 -8.52
CA TRP A 168 4.70 -6.16 -8.81
C TRP A 168 4.57 -5.18 -7.67
N THR A 169 5.67 -4.51 -7.33
CA THR A 169 5.59 -3.38 -6.43
C THR A 169 4.94 -2.23 -7.16
N ASP A 170 4.46 -1.25 -6.40
CA ASP A 170 4.15 0.03 -7.00
C ASP A 170 5.46 0.67 -7.41
N GLN A 171 5.37 1.67 -8.26
CA GLN A 171 6.55 2.40 -8.70
C GLN A 171 7.32 2.95 -7.51
N ASP A 172 8.64 2.96 -7.63
CA ASP A 172 9.49 3.51 -6.56
C ASP A 172 9.46 5.03 -6.55
N SER A 173 9.35 5.61 -5.35
CA SER A 173 9.20 7.05 -5.22
C SER A 173 10.50 7.82 -5.47
N LYS A 174 11.62 7.11 -5.51
CA LYS A 174 12.90 7.75 -5.71
C LYS A 174 13.42 7.62 -7.15
N ASP A 175 13.39 6.40 -7.70
CA ASP A 175 13.95 6.15 -9.02
C ASP A 175 12.93 5.77 -10.09
N SER A 176 11.67 5.76 -9.70
CA SER A 176 10.56 5.54 -10.63
C SER A 176 10.58 4.18 -11.33
N THR A 177 11.32 3.22 -10.77
CA THR A 177 11.33 1.88 -11.33
C THR A 177 10.28 0.99 -10.67
N TYR A 178 10.09 -0.17 -11.25
CA TYR A 178 9.25 -1.21 -10.69
C TYR A 178 10.13 -2.36 -10.27
N SER A 179 9.60 -3.22 -9.42
CA SER A 179 10.23 -4.49 -9.15
C SER A 179 9.13 -5.52 -9.16
N MET A 180 9.50 -6.78 -9.34
CA MET A 180 8.49 -7.83 -9.25
C MET A 180 9.12 -9.07 -8.67
N SER A 181 8.27 -9.86 -8.02
CA SER A 181 8.67 -11.14 -7.50
C SER A 181 7.90 -12.21 -8.23
N SER A 182 8.59 -13.31 -8.53
CA SER A 182 7.93 -14.45 -9.12
C SER A 182 8.28 -15.62 -8.24
N THR A 183 7.26 -16.34 -7.78
CA THR A 183 7.46 -17.45 -6.86
C THR A 183 6.86 -18.71 -7.43
N LEU A 184 7.68 -19.73 -7.59
CA LEU A 184 7.26 -21.03 -8.09
C LEU A 184 7.18 -21.96 -6.89
N THR A 185 5.99 -22.49 -6.65
CA THR A 185 5.83 -23.37 -5.50
C THR A 185 5.57 -24.79 -5.94
N LEU A 186 6.40 -25.70 -5.41
CA LEU A 186 6.36 -27.11 -5.70
C LEU A 186 6.23 -27.86 -4.40
N THR A 187 5.95 -29.15 -4.47
CA THR A 187 6.11 -30.01 -3.31
C THR A 187 7.58 -30.39 -3.18
N LYS A 188 8.02 -30.76 -1.98
CA LYS A 188 9.37 -31.23 -1.80
C LYS A 188 9.65 -32.43 -2.70
N ASP A 189 8.69 -33.36 -2.74
CA ASP A 189 8.86 -34.57 -3.55
C ASP A 189 9.14 -34.24 -5.00
N GLU A 190 8.43 -33.26 -5.55
CA GLU A 190 8.62 -32.91 -6.96
C GLU A 190 9.91 -32.11 -7.13
N TYR A 191 10.17 -31.21 -6.20
CA TYR A 191 11.40 -30.44 -6.21
C TYR A 191 12.62 -31.34 -6.26
N GLU A 192 12.60 -32.42 -5.50
CA GLU A 192 13.76 -33.33 -5.43
C GLU A 192 13.93 -34.23 -6.67
N ARG A 193 13.01 -34.15 -7.62
CA ARG A 193 13.14 -34.97 -8.84
C ARG A 193 13.88 -34.28 -9.96
N HIS A 194 14.24 -33.02 -9.74
CA HIS A 194 14.89 -32.25 -10.79
C HIS A 194 16.07 -31.47 -10.26
N ASN A 195 16.92 -31.01 -11.15
CA ASN A 195 18.16 -30.41 -10.70
C ASN A 195 18.25 -28.92 -10.96
N SER A 196 18.00 -28.52 -12.20
CA SER A 196 18.17 -27.13 -12.62
C SER A 196 16.89 -26.34 -12.50
N TYR A 197 16.99 -25.21 -11.81
CA TYR A 197 15.87 -24.30 -11.64
C TYR A 197 16.26 -22.94 -12.18
N THR A 198 15.48 -22.44 -13.13
CA THR A 198 15.86 -21.23 -13.83
C THR A 198 14.72 -20.25 -13.90
N CYS A 199 15.04 -18.98 -13.60
CA CYS A 199 14.16 -17.84 -13.79
C CYS A 199 14.67 -17.08 -15.01
N GLU A 200 13.82 -16.85 -16.00
CA GLU A 200 14.23 -16.10 -17.19
C GLU A 200 13.38 -14.87 -17.37
N ALA A 201 14.02 -13.70 -17.33
CA ALA A 201 13.31 -12.44 -17.49
C ALA A 201 13.54 -11.84 -18.85
N THR A 202 12.44 -11.55 -19.55
CA THR A 202 12.54 -10.86 -20.84
C THR A 202 11.86 -9.51 -20.71
N HIS A 203 12.62 -8.48 -21.02
CA HIS A 203 12.18 -7.12 -20.83
C HIS A 203 12.61 -6.35 -22.08
N LYS A 204 11.88 -5.31 -22.44
CA LYS A 204 12.14 -4.64 -23.72
C LYS A 204 13.54 -4.08 -23.80
N THR A 205 14.23 -3.99 -22.66
CA THR A 205 15.57 -3.42 -22.61
C THR A 205 16.65 -4.30 -23.23
N SER A 206 16.33 -5.56 -23.48
CA SER A 206 17.26 -6.43 -24.20
C SER A 206 16.52 -7.55 -24.94
N THR A 207 17.02 -7.91 -26.12
CA THR A 207 16.47 -9.06 -26.80
C THR A 207 16.95 -10.36 -26.16
N SER A 208 17.96 -10.26 -25.30
CA SER A 208 18.49 -11.40 -24.54
C SER A 208 17.78 -11.45 -23.20
N PRO A 209 17.13 -12.59 -22.90
CA PRO A 209 16.56 -12.70 -21.56
C PRO A 209 17.66 -12.71 -20.53
N ILE A 210 17.33 -12.23 -19.34
CA ILE A 210 18.24 -12.36 -18.22
C ILE A 210 17.92 -13.68 -17.55
N VAL A 211 18.93 -14.54 -17.45
CA VAL A 211 18.75 -15.90 -16.96
C VAL A 211 19.48 -16.06 -15.65
N LYS A 212 18.76 -16.44 -14.61
CA LYS A 212 19.40 -16.81 -13.34
C LYS A 212 18.96 -18.22 -12.99
N SER A 213 19.91 -19.01 -12.53
CA SER A 213 19.59 -20.39 -12.21
C SER A 213 20.41 -20.88 -11.03
N PHE A 214 19.94 -21.98 -10.47
CA PHE A 214 20.74 -22.73 -9.52
C PHE A 214 20.47 -24.20 -9.78
N ASN A 215 21.41 -25.02 -9.33
CA ASN A 215 21.30 -26.47 -9.45
C ASN A 215 21.22 -27.06 -8.06
N ARG A 216 20.25 -27.93 -7.83
CA ARG A 216 20.05 -28.51 -6.51
C ARG A 216 21.30 -29.22 -6.01
N ASN A 217 22.03 -29.87 -6.91
CA ASN A 217 23.23 -30.60 -6.51
C ASN A 217 24.30 -29.68 -5.94
N GLU A 218 24.18 -28.38 -6.21
CA GLU A 218 25.19 -27.43 -5.79
C GLU A 218 24.84 -26.77 -4.46
N CYS A 219 23.66 -27.10 -3.94
CA CYS A 219 23.19 -26.53 -2.69
C CYS A 219 23.96 -27.13 -1.52
N GLU B 1 2.49 18.66 16.45
CA GLU B 1 2.63 17.27 16.88
C GLU B 1 1.28 16.56 16.90
N VAL B 2 0.51 16.71 15.83
CA VAL B 2 -0.79 16.06 15.77
C VAL B 2 -0.63 14.57 15.48
N LYS B 3 -1.33 13.75 16.25
CA LYS B 3 -1.28 12.30 16.09
C LYS B 3 -2.68 11.75 16.03
N LEU B 4 -2.93 10.90 15.03
CA LEU B 4 -4.16 10.12 14.95
C LEU B 4 -3.73 8.69 14.73
N VAL B 5 -4.22 7.79 15.57
CA VAL B 5 -3.82 6.40 15.48
C VAL B 5 -5.03 5.49 15.62
N GLU B 6 -5.41 4.83 14.54
CA GLU B 6 -6.52 3.91 14.56
C GLU B 6 -6.09 2.56 15.13
N SER B 7 -7.05 1.89 15.76
CA SER B 7 -6.85 0.53 16.24
C SER B 7 -8.18 -0.21 16.11
N GLY B 8 -8.11 -1.52 16.16
CA GLY B 8 -9.31 -2.34 16.24
C GLY B 8 -9.58 -3.15 15.00
N GLY B 9 -8.84 -2.87 13.94
CA GLY B 9 -9.00 -3.59 12.69
C GLY B 9 -8.59 -5.03 12.85
N GLY B 10 -9.12 -5.88 11.98
CA GLY B 10 -8.77 -7.28 11.98
C GLY B 10 -9.85 -8.08 11.28
N LEU B 11 -9.86 -9.38 11.54
CA LEU B 11 -10.77 -10.32 10.90
C LEU B 11 -12.08 -10.41 11.65
N VAL B 12 -13.18 -10.32 10.93
CA VAL B 12 -14.49 -10.53 11.51
C VAL B 12 -15.35 -11.30 10.52
N GLN B 13 -16.29 -12.11 11.02
CA GLN B 13 -17.13 -12.88 10.13
C GLN B 13 -18.28 -12.04 9.57
N SER B 14 -18.77 -12.43 8.40
CA SER B 14 -19.91 -11.76 7.80
C SER B 14 -21.05 -11.76 8.80
N GLY B 15 -21.73 -10.62 8.92
CA GLY B 15 -22.84 -10.47 9.84
C GLY B 15 -22.38 -10.02 11.22
N GLY B 16 -21.07 -10.01 11.43
CA GLY B 16 -20.51 -9.66 12.72
C GLY B 16 -20.41 -8.16 12.94
N SER B 17 -19.95 -7.78 14.13
CA SER B 17 -19.76 -6.39 14.49
C SER B 17 -18.31 -6.18 14.86
N LEU B 18 -17.86 -4.94 14.75
CA LEU B 18 -16.50 -4.58 15.10
C LEU B 18 -16.48 -3.10 15.39
N ARG B 19 -15.76 -2.71 16.44
CA ARG B 19 -15.63 -1.30 16.78
C ARG B 19 -14.18 -0.89 16.62
N LEU B 20 -13.97 0.19 15.90
CA LEU B 20 -12.66 0.76 15.72
C LEU B 20 -12.50 1.95 16.65
N SER B 21 -11.26 2.22 17.02
CA SER B 21 -10.94 3.40 17.80
C SER B 21 -9.89 4.24 17.08
N CYS B 22 -9.85 5.52 17.43
CA CYS B 22 -8.86 6.41 16.89
C CYS B 22 -8.39 7.33 18.01
N ALA B 23 -7.17 7.09 18.48
CA ALA B 23 -6.62 7.88 19.56
C ALA B 23 -5.98 9.12 18.98
N THR B 24 -6.27 10.28 19.56
CA THR B 24 -5.76 11.53 19.01
C THR B 24 -4.98 12.31 20.05
N SER B 25 -4.10 13.18 19.57
CA SER B 25 -3.37 14.08 20.45
C SER B 25 -2.78 15.22 19.63
N GLY B 26 -2.39 16.31 20.29
CA GLY B 26 -1.72 17.40 19.63
C GLY B 26 -2.62 18.51 19.13
N PHE B 27 -3.92 18.41 19.42
CA PHE B 27 -4.89 19.43 19.07
C PHE B 27 -6.07 19.39 20.02
N THR B 28 -6.84 20.47 20.06
CA THR B 28 -8.00 20.53 20.92
C THR B 28 -9.13 19.72 20.30
N PHE B 29 -9.21 18.46 20.71
CA PHE B 29 -10.13 17.48 20.14
C PHE B 29 -11.55 17.98 20.06
N THR B 30 -12.06 18.60 21.12
CA THR B 30 -13.47 18.98 21.13
C THR B 30 -13.81 20.10 20.14
N ASP B 31 -12.78 20.79 19.64
CA ASP B 31 -12.98 21.86 18.67
C ASP B 31 -13.32 21.31 17.28
N TYR B 32 -13.09 20.01 17.09
CA TYR B 32 -13.07 19.46 15.74
C TYR B 32 -14.14 18.42 15.49
N TYR B 33 -14.78 18.55 14.34
CA TYR B 33 -15.50 17.43 13.73
C TYR B 33 -14.46 16.37 13.46
N MET B 34 -14.87 15.12 13.51
CA MET B 34 -13.99 14.01 13.15
C MET B 34 -14.72 13.12 12.18
N SER B 35 -14.03 12.72 11.12
CA SER B 35 -14.62 11.82 10.12
C SER B 35 -13.97 10.46 10.09
N TRP B 36 -14.73 9.49 9.62
CA TRP B 36 -14.16 8.20 9.22
C TRP B 36 -14.27 8.06 7.71
N VAL B 37 -13.22 7.49 7.11
CA VAL B 37 -13.13 7.31 5.67
C VAL B 37 -12.59 5.91 5.47
N ARG B 38 -13.08 5.17 4.49
CA ARG B 38 -12.53 3.84 4.27
C ARG B 38 -12.05 3.68 2.85
N GLN B 39 -11.28 2.62 2.63
CA GLN B 39 -10.69 2.37 1.33
C GLN B 39 -10.50 0.87 1.13
N PRO B 40 -11.37 0.26 0.32
CA PRO B 40 -11.13 -1.14 -0.02
C PRO B 40 -9.78 -1.22 -0.72
N PRO B 41 -9.07 -2.35 -0.56
CA PRO B 41 -7.78 -2.50 -1.22
C PRO B 41 -7.85 -2.17 -2.70
N GLY B 42 -7.02 -1.23 -3.15
CA GLY B 42 -6.94 -0.86 -4.55
C GLY B 42 -8.04 0.02 -5.08
N LYS B 43 -8.91 0.51 -4.19
CA LYS B 43 -10.07 1.29 -4.62
C LYS B 43 -10.03 2.69 -4.04
N ALA B 44 -11.08 3.46 -4.31
CA ALA B 44 -11.10 4.86 -3.92
C ALA B 44 -11.48 5.05 -2.44
N LEU B 45 -11.13 6.20 -1.91
CA LEU B 45 -11.61 6.64 -0.60
C LEU B 45 -13.13 6.79 -0.59
N GLU B 46 -13.74 6.41 0.51
CA GLU B 46 -15.17 6.59 0.70
C GLU B 46 -15.41 7.21 2.06
N TRP B 47 -16.00 8.40 2.06
CA TRP B 47 -16.37 9.05 3.31
C TRP B 47 -17.56 8.31 3.95
N LEU B 48 -17.45 8.05 5.25
CA LEU B 48 -18.48 7.27 5.94
C LEU B 48 -19.40 8.08 6.85
N GLY B 49 -18.83 9.06 7.51
CA GLY B 49 -19.63 9.83 8.46
C GLY B 49 -18.75 10.76 9.25
N PHE B 50 -19.38 11.65 10.00
CA PHE B 50 -18.66 12.46 10.95
C PHE B 50 -19.40 12.63 12.23
N ILE B 51 -18.67 13.05 13.25
CA ILE B 51 -19.28 13.53 14.48
C ILE B 51 -18.81 14.95 14.65
N ARG B 52 -19.76 15.84 14.95
CA ARG B 52 -19.47 17.25 15.00
C ARG B 52 -18.71 17.63 16.27
N ASN B 53 -18.23 18.87 16.31
CA ASN B 53 -17.54 19.37 17.49
C ASN B 53 -18.50 19.76 18.61
N LYS B 54 -17.94 20.19 19.73
CA LYS B 54 -18.70 20.55 20.92
C LYS B 54 -19.68 21.68 20.63
N ALA B 55 -19.21 22.70 19.91
CA ALA B 55 -20.04 23.84 19.56
C ALA B 55 -21.30 23.42 18.79
N ASN B 56 -21.20 22.27 18.11
CA ASN B 56 -22.34 21.77 17.35
C ASN B 56 -22.98 20.54 17.96
N GLY B 57 -22.75 20.33 19.25
CA GLY B 57 -23.47 19.32 20.01
C GLY B 57 -23.03 17.90 19.76
N TYR B 58 -21.88 17.73 19.12
CA TYR B 58 -21.33 16.41 18.89
C TYR B 58 -22.31 15.49 18.15
N THR B 59 -23.11 16.06 17.25
CA THR B 59 -24.09 15.29 16.53
C THR B 59 -23.43 14.57 15.36
N THR B 60 -24.08 13.53 14.87
CA THR B 60 -23.48 12.67 13.85
C THR B 60 -24.21 12.74 12.49
N GLU B 61 -23.46 12.48 11.42
CA GLU B 61 -24.08 12.28 10.11
C GLU B 61 -23.36 11.14 9.43
N TYR B 62 -24.03 10.51 8.48
CA TYR B 62 -23.51 9.31 7.85
C TYR B 62 -23.81 9.34 6.39
N SER B 63 -22.92 8.73 5.62
CA SER B 63 -23.20 8.43 4.23
C SER B 63 -24.36 7.45 4.18
N PRO B 64 -25.22 7.60 3.16
CA PRO B 64 -26.30 6.63 2.97
C PRO B 64 -25.79 5.18 2.91
N SER B 65 -24.56 4.98 2.47
CA SER B 65 -24.01 3.64 2.33
C SER B 65 -23.90 2.89 3.67
N VAL B 66 -23.86 3.63 4.78
CA VAL B 66 -23.67 2.97 6.07
C VAL B 66 -24.63 3.48 7.13
N LYS B 67 -25.43 4.48 6.80
CA LYS B 67 -26.37 5.01 7.77
C LYS B 67 -27.28 3.90 8.29
N GLY B 68 -27.45 3.83 9.61
CA GLY B 68 -28.29 2.82 10.25
C GLY B 68 -27.52 1.60 10.68
N ARG B 69 -26.28 1.48 10.20
CA ARG B 69 -25.49 0.28 10.41
C ARG B 69 -24.18 0.58 11.13
N PHE B 70 -23.63 1.76 10.84
CA PHE B 70 -22.42 2.25 11.51
C PHE B 70 -22.78 3.39 12.46
N THR B 71 -22.12 3.44 13.61
CA THR B 71 -22.32 4.50 14.60
C THR B 71 -20.99 5.11 14.99
N ILE B 72 -20.89 6.43 14.92
CA ILE B 72 -19.70 7.14 15.36
C ILE B 72 -19.95 7.73 16.74
N SER B 73 -18.94 7.64 17.61
CA SER B 73 -19.02 8.29 18.90
C SER B 73 -17.64 8.79 19.27
N ARG B 74 -17.55 9.56 20.34
CA ARG B 74 -16.29 10.12 20.74
C ARG B 74 -16.20 10.22 22.27
N ASP B 75 -15.00 10.03 22.78
CA ASP B 75 -14.72 10.24 24.20
C ASP B 75 -13.94 11.53 24.29
N ASN B 76 -14.59 12.57 24.77
CA ASN B 76 -13.98 13.89 24.83
C ASN B 76 -13.08 14.13 26.03
N SER B 77 -13.06 13.19 26.95
CA SER B 77 -12.13 13.26 28.08
C SER B 77 -10.77 12.72 27.68
N GLN B 78 -10.75 11.76 26.77
CA GLN B 78 -9.51 11.09 26.39
C GLN B 78 -9.12 11.36 24.95
N SER B 79 -9.97 12.12 24.25
CA SER B 79 -9.73 12.48 22.85
C SER B 79 -9.65 11.25 21.94
N ILE B 80 -10.61 10.35 22.10
CA ILE B 80 -10.68 9.13 21.29
C ILE B 80 -11.94 9.13 20.44
N LEU B 81 -11.78 8.77 19.18
CA LEU B 81 -12.92 8.65 18.27
C LEU B 81 -13.24 7.18 18.04
N TYR B 82 -14.54 6.87 17.93
CA TYR B 82 -14.94 5.49 17.72
C TYR B 82 -15.82 5.32 16.50
N LEU B 83 -15.73 4.13 15.89
CA LEU B 83 -16.64 3.73 14.84
C LEU B 83 -17.14 2.33 15.13
N GLN B 84 -18.43 2.23 15.41
CA GLN B 84 -19.06 0.94 15.63
C GLN B 84 -19.67 0.47 14.32
N MET B 85 -19.27 -0.71 13.88
CA MET B 85 -19.78 -1.27 12.65
C MET B 85 -20.56 -2.52 12.95
N ASN B 86 -21.76 -2.61 12.39
CA ASN B 86 -22.61 -3.77 12.59
C ASN B 86 -22.95 -4.45 11.26
N THR B 87 -23.41 -5.69 11.36
CA THR B 87 -23.82 -6.48 10.19
C THR B 87 -22.84 -6.34 9.03
N LEU B 88 -21.58 -6.65 9.33
CA LEU B 88 -20.51 -6.47 8.37
C LEU B 88 -20.62 -7.44 7.20
N ARG B 89 -20.23 -6.98 6.02
CA ARG B 89 -20.22 -7.81 4.84
C ARG B 89 -18.88 -7.68 4.13
N ALA B 90 -18.60 -8.57 3.18
CA ALA B 90 -17.32 -8.55 2.48
C ALA B 90 -17.02 -7.16 1.92
N GLU B 91 -18.05 -6.47 1.47
CA GLU B 91 -17.88 -5.15 0.86
C GLU B 91 -17.39 -4.10 1.86
N ASP B 92 -17.47 -4.44 3.14
CA ASP B 92 -16.94 -3.59 4.20
C ASP B 92 -15.45 -3.82 4.44
N SER B 93 -14.86 -4.82 3.80
CA SER B 93 -13.42 -5.04 3.96
C SER B 93 -12.68 -3.85 3.36
N ALA B 94 -11.82 -3.24 4.16
CA ALA B 94 -11.22 -1.98 3.77
C ALA B 94 -10.27 -1.51 4.84
N THR B 95 -9.42 -0.57 4.46
CA THR B 95 -8.65 0.18 5.43
C THR B 95 -9.53 1.33 5.92
N TYR B 96 -9.64 1.48 7.23
CA TYR B 96 -10.46 2.53 7.84
C TYR B 96 -9.54 3.58 8.43
N TYR B 97 -9.77 4.81 8.01
CA TYR B 97 -9.03 5.97 8.46
C TYR B 97 -9.90 6.89 9.26
N CYS B 98 -9.35 7.39 10.36
CA CYS B 98 -9.95 8.53 10.97
C CYS B 98 -9.24 9.79 10.46
N ALA B 99 -10.01 10.86 10.31
CA ALA B 99 -9.47 12.11 9.81
C ALA B 99 -10.03 13.25 10.62
N ARG B 100 -9.15 14.18 10.96
CA ARG B 100 -9.61 15.39 11.58
C ARG B 100 -10.34 16.22 10.53
N ASP B 101 -11.52 16.75 10.89
CA ASP B 101 -12.40 17.42 9.94
C ASP B 101 -12.54 18.88 10.40
N HIS B 102 -13.73 19.44 10.17
CA HIS B 102 -14.11 20.84 10.31
C HIS B 102 -13.94 21.35 11.75
N ASP B 103 -13.45 22.58 11.89
CA ASP B 103 -13.35 23.20 13.20
C ASP B 103 -14.33 24.37 13.33
N GLY B 104 -15.32 24.40 12.44
CA GLY B 104 -16.31 25.47 12.44
C GLY B 104 -16.01 26.50 11.38
N TYR B 105 -14.76 26.49 10.91
CA TYR B 105 -14.34 27.42 9.87
C TYR B 105 -13.70 26.73 8.66
N TYR B 106 -12.53 26.14 8.85
CA TYR B 106 -11.80 25.55 7.74
C TYR B 106 -12.51 24.36 7.12
N GLU B 107 -12.51 24.30 5.79
CA GLU B 107 -13.01 23.16 5.07
C GLU B 107 -11.83 22.33 4.57
N ARG B 108 -11.46 21.32 5.34
CA ARG B 108 -10.32 20.48 5.03
C ARG B 108 -10.28 19.35 6.03
N PHE B 109 -9.71 18.22 5.62
CA PHE B 109 -9.33 17.17 6.56
C PHE B 109 -7.82 17.35 6.77
N SER B 110 -7.42 17.96 7.88
CA SER B 110 -6.03 18.33 8.06
C SER B 110 -5.10 17.15 8.24
N TYR B 111 -5.58 16.12 8.94
CA TYR B 111 -4.76 15.03 9.41
C TYR B 111 -5.52 13.74 9.30
N TRP B 112 -4.80 12.66 9.00
CA TRP B 112 -5.35 11.33 8.83
C TRP B 112 -4.51 10.38 9.64
N GLY B 113 -5.13 9.36 10.20
CA GLY B 113 -4.39 8.29 10.84
C GLY B 113 -3.69 7.39 9.82
N GLN B 114 -2.98 6.38 10.33
CA GLN B 114 -2.30 5.43 9.47
C GLN B 114 -3.25 4.40 8.87
N GLY B 115 -4.45 4.29 9.45
CA GLY B 115 -5.46 3.37 8.96
C GLY B 115 -5.38 2.03 9.63
N THR B 116 -6.54 1.40 9.79
CA THR B 116 -6.59 0.04 10.33
C THR B 116 -7.39 -0.85 9.37
N LEU B 117 -6.85 -2.02 9.07
CA LEU B 117 -7.43 -2.86 8.02
C LEU B 117 -8.46 -3.82 8.59
N VAL B 118 -9.66 -3.79 8.01
CA VAL B 118 -10.72 -4.70 8.42
C VAL B 118 -10.96 -5.71 7.32
N THR B 119 -10.98 -6.98 7.69
CA THR B 119 -11.25 -8.05 6.74
C THR B 119 -12.49 -8.80 7.19
N VAL B 120 -13.49 -8.85 6.32
CA VAL B 120 -14.69 -9.59 6.61
C VAL B 120 -14.66 -10.89 5.82
N SER B 121 -14.54 -12.00 6.53
CA SER B 121 -14.30 -13.26 5.87
C SER B 121 -14.60 -14.40 6.84
N ALA B 122 -14.90 -15.56 6.28
CA ALA B 122 -15.16 -16.75 7.05
C ALA B 122 -13.87 -17.56 7.21
N ALA B 123 -12.81 -17.13 6.52
CA ALA B 123 -11.53 -17.83 6.59
C ALA B 123 -10.91 -17.69 7.98
N LYS B 124 -10.15 -18.70 8.39
CA LYS B 124 -9.55 -18.69 9.71
C LYS B 124 -8.23 -17.92 9.73
N THR B 125 -7.89 -17.36 10.88
CA THR B 125 -6.60 -16.72 11.05
C THR B 125 -5.51 -17.78 10.96
N THR B 126 -4.50 -17.52 10.15
CA THR B 126 -3.38 -18.43 9.98
C THR B 126 -2.09 -17.63 10.03
N PRO B 127 -1.16 -18.00 10.92
CA PRO B 127 0.10 -17.27 10.97
C PRO B 127 0.98 -17.61 9.78
N PRO B 128 1.86 -16.68 9.41
CA PRO B 128 2.76 -16.90 8.28
C PRO B 128 3.87 -17.88 8.64
N SER B 129 4.35 -18.59 7.64
CA SER B 129 5.66 -19.19 7.73
C SER B 129 6.63 -18.19 7.14
N VAL B 130 7.77 -17.99 7.78
CA VAL B 130 8.72 -17.00 7.32
C VAL B 130 10.01 -17.71 6.96
N TYR B 131 10.40 -17.60 5.70
CA TYR B 131 11.57 -18.31 5.22
C TYR B 131 12.62 -17.35 4.71
N PRO B 132 13.88 -17.66 5.01
CA PRO B 132 14.96 -16.78 4.55
C PRO B 132 15.27 -17.03 3.08
N LEU B 133 15.58 -15.95 2.38
CA LEU B 133 16.01 -16.06 1.00
C LEU B 133 17.47 -15.65 0.94
N ALA B 134 18.35 -16.64 0.89
CA ALA B 134 19.78 -16.40 0.77
C ALA B 134 20.27 -16.87 -0.60
N PRO B 135 21.27 -16.19 -1.15
CA PRO B 135 21.83 -16.59 -2.45
C PRO B 135 22.26 -18.05 -2.49
N GLY B 136 22.01 -18.70 -3.62
CA GLY B 136 22.37 -20.10 -3.79
C GLY B 136 23.86 -20.24 -4.10
N SER B 137 24.17 -20.76 -5.28
CA SER B 137 25.55 -20.90 -5.70
C SER B 137 25.90 -19.94 -6.83
N ALA B 138 26.16 -18.68 -6.48
CA ALA B 138 26.51 -17.66 -7.46
C ALA B 138 27.05 -16.41 -6.78
N ALA B 139 28.38 -16.32 -6.70
CA ALA B 139 29.07 -15.18 -6.14
C ALA B 139 28.56 -13.85 -6.69
N GLN B 140 28.31 -12.92 -5.79
CA GLN B 140 27.88 -11.58 -6.18
C GLN B 140 29.05 -10.65 -6.47
N THR B 141 29.70 -10.88 -7.61
CA THR B 141 30.66 -9.92 -8.13
C THR B 141 29.89 -8.68 -8.54
N ASN B 142 28.58 -8.74 -8.33
CA ASN B 142 27.67 -7.66 -8.68
C ASN B 142 27.80 -6.48 -7.73
N SER B 143 28.89 -6.46 -6.95
CA SER B 143 29.14 -5.41 -5.98
C SER B 143 28.07 -5.41 -4.88
N MET B 144 26.82 -5.53 -5.30
CA MET B 144 25.69 -5.54 -4.39
C MET B 144 25.14 -6.96 -4.26
N VAL B 145 24.51 -7.26 -3.14
CA VAL B 145 23.92 -8.57 -2.94
C VAL B 145 22.48 -8.42 -2.48
N THR B 146 21.60 -9.27 -3.01
CA THR B 146 20.19 -9.17 -2.70
C THR B 146 19.75 -10.37 -1.87
N LEU B 147 19.13 -10.07 -0.74
CA LEU B 147 18.63 -11.08 0.18
C LEU B 147 17.12 -10.94 0.25
N GLY B 148 16.46 -11.89 0.90
CA GLY B 148 15.03 -11.80 0.98
C GLY B 148 14.40 -12.57 2.12
N CYS B 149 13.08 -12.39 2.23
CA CYS B 149 12.26 -12.99 3.23
C CYS B 149 10.97 -13.41 2.53
N LEU B 150 10.58 -14.66 2.66
CA LEU B 150 9.33 -15.16 2.08
C LEU B 150 8.34 -15.34 3.21
N VAL B 151 7.20 -14.67 3.13
CA VAL B 151 6.21 -14.67 4.20
C VAL B 151 4.97 -15.36 3.65
N LYS B 152 4.85 -16.63 3.95
CA LYS B 152 3.96 -17.50 3.20
C LYS B 152 2.82 -18.05 4.01
N GLY B 153 1.63 -18.03 3.40
CA GLY B 153 0.50 -18.78 3.90
C GLY B 153 -0.17 -18.20 5.13
N TYR B 154 -0.41 -16.89 5.12
CA TYR B 154 -1.05 -16.26 6.27
C TYR B 154 -2.41 -15.68 5.92
N PHE B 155 -3.21 -15.42 6.94
CA PHE B 155 -4.50 -14.79 6.78
C PHE B 155 -4.94 -14.24 8.14
N PRO B 156 -5.55 -13.04 8.16
CA PRO B 156 -5.79 -12.10 7.06
C PRO B 156 -4.56 -11.23 6.87
N GLU B 157 -4.66 -10.27 5.96
CA GLU B 157 -3.70 -9.18 5.94
C GLU B 157 -3.93 -8.34 7.19
N PRO B 158 -2.94 -7.53 7.57
CA PRO B 158 -1.64 -7.37 6.92
C PRO B 158 -0.52 -8.09 7.66
N VAL B 159 0.66 -8.03 7.05
CA VAL B 159 1.89 -8.30 7.76
C VAL B 159 2.79 -7.08 7.60
N THR B 160 3.71 -6.91 8.53
CA THR B 160 4.73 -5.89 8.38
C THR B 160 6.08 -6.57 8.26
N VAL B 161 6.92 -6.04 7.38
CA VAL B 161 8.27 -6.53 7.22
C VAL B 161 9.21 -5.36 7.31
N THR B 162 10.21 -5.47 8.17
CA THR B 162 11.29 -4.52 8.19
C THR B 162 12.59 -5.29 8.12
N TRP B 163 13.68 -4.56 7.89
CA TRP B 163 14.99 -5.19 7.84
C TRP B 163 15.92 -4.52 8.84
N ASN B 164 16.61 -5.35 9.63
CA ASN B 164 17.40 -4.86 10.76
C ASN B 164 16.62 -3.79 11.52
N SER B 165 15.45 -4.18 11.99
CA SER B 165 14.60 -3.31 12.82
C SER B 165 14.38 -1.92 12.21
N GLY B 166 14.43 -1.83 10.89
CA GLY B 166 14.17 -0.57 10.22
C GLY B 166 15.43 0.19 9.84
N SER B 167 16.59 -0.28 10.33
CA SER B 167 17.87 0.34 9.99
C SER B 167 18.12 0.31 8.49
N LEU B 168 17.74 -0.80 7.85
CA LEU B 168 17.79 -0.90 6.40
C LEU B 168 16.43 -0.53 5.83
N SER B 169 16.34 0.63 5.20
CA SER B 169 15.11 1.11 4.59
C SER B 169 15.31 1.20 3.09
N SER B 170 16.44 1.78 2.72
CA SER B 170 16.75 1.95 1.31
C SER B 170 17.14 0.60 0.73
N GLY B 171 16.80 0.37 -0.53
CA GLY B 171 17.11 -0.89 -1.17
C GLY B 171 16.18 -2.01 -0.73
N VAL B 172 15.08 -1.66 -0.06
CA VAL B 172 14.07 -2.64 0.32
C VAL B 172 12.86 -2.59 -0.61
N HIS B 173 12.43 -3.76 -1.07
CA HIS B 173 11.22 -3.89 -1.84
C HIS B 173 10.35 -4.96 -1.20
N THR B 174 9.20 -4.56 -0.70
CA THR B 174 8.27 -5.54 -0.16
C THR B 174 7.11 -5.64 -1.13
N PHE B 175 6.93 -6.85 -1.66
CA PHE B 175 5.99 -7.12 -2.72
C PHE B 175 4.60 -7.33 -2.16
N PRO B 176 3.60 -6.75 -2.82
CA PRO B 176 2.21 -6.92 -2.36
C PRO B 176 1.85 -8.38 -2.27
N ALA B 177 1.10 -8.72 -1.23
CA ALA B 177 0.64 -10.08 -1.01
C ALA B 177 -0.32 -10.51 -2.10
N VAL B 178 -0.22 -11.77 -2.45
CA VAL B 178 -1.12 -12.42 -3.39
C VAL B 178 -1.91 -13.47 -2.63
N LEU B 179 -3.21 -13.47 -2.87
CA LEU B 179 -4.12 -14.41 -2.25
C LEU B 179 -4.29 -15.69 -3.08
N GLN B 180 -4.02 -16.84 -2.46
CA GLN B 180 -4.19 -18.15 -3.08
C GLN B 180 -4.71 -19.15 -2.05
N SER B 181 -5.84 -19.78 -2.36
CA SER B 181 -6.42 -20.77 -1.47
C SER B 181 -6.62 -20.23 -0.06
N ASP B 182 -7.26 -19.06 0.04
CA ASP B 182 -7.60 -18.47 1.32
C ASP B 182 -6.37 -18.07 2.13
N LEU B 183 -5.20 -18.04 1.48
CA LEU B 183 -3.97 -17.62 2.16
C LEU B 183 -3.15 -16.64 1.35
N TYR B 184 -2.57 -15.67 2.04
CA TYR B 184 -1.69 -14.70 1.42
C TYR B 184 -0.24 -15.14 1.50
N THR B 185 0.52 -14.74 0.48
CA THR B 185 1.95 -14.88 0.48
C THR B 185 2.55 -13.59 -0.01
N LEU B 186 3.60 -13.14 0.67
CA LEU B 186 4.39 -12.05 0.13
C LEU B 186 5.87 -12.30 0.35
N SER B 187 6.68 -11.48 -0.28
CA SER B 187 8.11 -11.56 -0.12
C SER B 187 8.65 -10.15 0.00
N SER B 188 9.85 -10.05 0.55
CA SER B 188 10.55 -8.80 0.65
C SER B 188 11.99 -9.00 0.26
N SER B 189 12.53 -8.10 -0.54
CA SER B 189 13.93 -8.18 -0.91
C SER B 189 14.65 -7.00 -0.30
N VAL B 190 15.92 -7.19 0.02
CA VAL B 190 16.76 -6.09 0.44
C VAL B 190 18.10 -6.25 -0.28
N THR B 191 18.65 -5.12 -0.70
CA THR B 191 19.88 -5.13 -1.46
C THR B 191 20.91 -4.30 -0.72
N VAL B 192 22.01 -4.95 -0.35
CA VAL B 192 23.06 -4.32 0.43
C VAL B 192 24.43 -4.58 -0.21
N PRO B 193 25.41 -3.73 0.11
CA PRO B 193 26.77 -3.96 -0.37
C PRO B 193 27.26 -5.34 0.04
N SER B 194 27.89 -6.05 -0.89
CA SER B 194 28.37 -7.39 -0.63
C SER B 194 29.43 -7.42 0.47
N SER B 195 30.01 -6.27 0.76
CA SER B 195 31.05 -6.16 1.77
C SER B 195 30.44 -6.16 3.17
N THR B 196 29.12 -5.98 3.24
CA THR B 196 28.44 -5.86 4.52
C THR B 196 27.74 -7.16 4.94
N TRP B 197 27.57 -8.07 4.00
CA TRP B 197 26.96 -9.35 4.31
C TRP B 197 27.78 -10.45 3.63
N PRO B 198 28.05 -11.55 4.36
CA PRO B 198 27.52 -11.83 5.69
C PRO B 198 28.38 -11.34 6.87
N SER B 199 29.37 -10.48 6.61
CA SER B 199 30.20 -9.97 7.69
C SER B 199 29.34 -9.23 8.73
N GLU B 200 28.36 -8.48 8.24
CA GLU B 200 27.35 -7.88 9.13
C GLU B 200 26.06 -8.68 9.02
N THR B 201 25.24 -8.64 10.06
CA THR B 201 24.00 -9.38 10.06
C THR B 201 22.91 -8.65 9.30
N VAL B 202 22.09 -9.43 8.59
CA VAL B 202 20.87 -8.92 7.97
C VAL B 202 19.73 -9.82 8.42
N THR B 203 18.72 -9.19 9.02
CA THR B 203 17.60 -9.91 9.61
C THR B 203 16.28 -9.28 9.13
N CYS B 204 15.34 -10.11 8.71
CA CYS B 204 14.03 -9.56 8.41
C CYS B 204 13.15 -9.72 9.64
N ASN B 205 12.41 -8.65 9.96
CA ASN B 205 11.51 -8.67 11.10
C ASN B 205 10.10 -8.68 10.59
N VAL B 206 9.39 -9.77 10.86
CA VAL B 206 8.05 -9.95 10.34
C VAL B 206 7.04 -9.97 11.48
N ALA B 207 5.97 -9.23 11.32
CA ALA B 207 4.87 -9.30 12.27
C ALA B 207 3.57 -9.58 11.55
N HIS B 208 2.74 -10.41 12.16
CA HIS B 208 1.39 -10.64 11.68
C HIS B 208 0.46 -10.38 12.83
N PRO B 209 -0.10 -9.17 12.91
CA PRO B 209 -0.85 -8.81 14.11
C PRO B 209 -2.02 -9.73 14.40
N ALA B 210 -2.70 -10.24 13.38
CA ALA B 210 -3.88 -11.06 13.63
C ALA B 210 -3.57 -12.28 14.47
N SER B 211 -2.35 -12.81 14.30
CA SER B 211 -1.94 -13.99 15.05
C SER B 211 -0.88 -13.62 16.08
N SER B 212 -0.71 -12.32 16.31
CA SER B 212 0.34 -11.81 17.19
C SER B 212 1.67 -12.45 16.89
N THR B 213 1.93 -12.77 15.62
CA THR B 213 3.19 -13.38 15.27
C THR B 213 4.30 -12.34 15.20
N LYS B 214 5.44 -12.66 15.81
CA LYS B 214 6.63 -11.83 15.68
C LYS B 214 7.77 -12.76 15.37
N VAL B 215 8.44 -12.50 14.24
CA VAL B 215 9.52 -13.33 13.75
C VAL B 215 10.71 -12.46 13.40
N ASP B 216 11.89 -12.86 13.84
CA ASP B 216 13.10 -12.24 13.34
C ASP B 216 13.92 -13.34 12.68
N LYS B 217 14.09 -13.25 11.37
CA LYS B 217 14.73 -14.30 10.62
C LYS B 217 16.07 -13.79 10.13
N LYS B 218 17.15 -14.33 10.69
CA LYS B 218 18.49 -13.96 10.26
C LYS B 218 18.80 -14.64 8.93
N ILE B 219 19.32 -13.88 7.97
CA ILE B 219 19.70 -14.47 6.70
C ILE B 219 21.13 -14.95 6.82
N VAL B 220 21.32 -16.26 6.78
CA VAL B 220 22.63 -16.86 7.00
C VAL B 220 23.16 -17.41 5.69
N PRO B 221 24.47 -17.24 5.46
CA PRO B 221 25.10 -17.79 4.24
C PRO B 221 25.30 -19.30 4.34
N ARG B 222 26.28 -19.81 3.61
CA ARG B 222 26.54 -21.25 3.52
C ARG B 222 25.45 -21.95 2.73
C1 KDA C . -26.41 28.84 7.42
O1B KDA C . -26.75 29.89 6.79
O1A KDA C . -26.48 27.71 6.89
C2 KDA C . -25.87 28.94 8.80
C3 KDA C . -24.41 28.63 8.81
C4 KDA C . -23.78 28.81 10.15
O4 KDA C . -22.39 28.72 9.99
C5 KDA C . -24.11 30.12 10.76
O5 KDA C . -23.53 31.10 9.97
C6 KDA C . -25.58 30.37 10.77
O6 KDA C . -26.16 30.25 9.40
C7 KDA C . -25.94 31.71 11.40
O7 KDA C . -25.59 31.73 12.73
C8 KDA C . -27.42 31.90 11.29
O8 KDA C . -28.21 30.87 11.77
O2 KDA C . -26.52 28.02 9.62
C9 KDA C . -27.92 27.99 9.63
C10 KDA C . -28.56 26.79 10.31
C11 KDA C . -29.90 26.75 10.52
C1 KDO C . -21.65 28.69 12.27
O1A KDO C . -22.08 28.07 13.28
O1B KDO C . -21.25 29.89 12.34
C2 KDO C . -21.61 27.99 10.96
C3 KDO C . -20.19 27.93 10.51
C4 KDO C . -20.05 27.03 9.33
O4 KDO C . -18.69 26.94 8.99
C5 KDO C . -20.55 25.69 9.60
O5 KDO C . -19.82 25.10 10.63
C6 KDO C . -21.99 25.78 10.02
O6 KDO C . -22.14 26.67 11.20
C7 KDO C . -22.71 24.50 10.38
O7 KDO C . -22.19 23.92 11.51
C8 KDO C . -22.71 23.51 9.25
O8 KDO C . -21.48 22.92 8.94
C1 KDO C . -22.41 20.71 8.88
O1A KDO C . -23.25 20.05 8.23
O1B KDO C . -22.20 20.50 10.10
C2 KDO C . -21.62 21.77 8.20
C3 KDO C . -20.21 21.28 8.05
C4 KDO C . -19.40 22.12 7.12
O4 KDO C . -18.16 21.49 6.86
C5 KDO C . -20.12 22.41 5.86
O5 KDO C . -20.37 21.23 5.12
C6 KDO C . -21.44 23.02 6.17
O6 KDO C . -22.26 22.08 6.94
C7 KDO C . -22.25 23.49 4.99
O7 KDO C . -21.53 24.38 4.23
C8 KDO C . -23.51 24.16 5.48
O8 KDO C . -23.31 25.29 6.27
MG MG D . 14.23 -33.64 -14.26
ZN ZN E . 8.94 -33.48 -12.41
MG MG F . 14.90 -0.99 -5.93
#